data_8XP9
#
_entry.id   8XP9
#
_cell.length_a   46.613
_cell.length_b   46.690
_cell.length_c   75.106
_cell.angle_alpha   90.00
_cell.angle_beta   90.00
_cell.angle_gamma   90.00
#
_symmetry.space_group_name_H-M   'P 21 21 21'
#
loop_
_entity.id
_entity.type
_entity.pdbx_description
1 polymer "DNA (5'-D(P*AP*CP*GP*CP*CP*GP*T)-3')"
2 polymer "DNA (5'-D(P*AP*CP*GP*GP*CP*GP*T)-3')"
3 water water
#
loop_
_entity_poly.entity_id
_entity_poly.type
_entity_poly.pdbx_seq_one_letter_code
_entity_poly.pdbx_strand_id
1 'polydeoxyribonucleotide' (DA)(DC)(DG)(DC)(DC)(DG)(DT) F,H,A,C
2 'polydeoxyribonucleotide' (DA)(DC)(DG)(DG)(DC)(DG)(DT) G,I,D,B
#
loop_
_chem_comp.id
_chem_comp.type
_chem_comp.name
_chem_comp.formula
DA DNA linking 2'-DEOXYADENOSINE-5'-MONOPHOSPHATE 'C10 H14 N5 O6 P'
DC DNA linking 2'-DEOXYCYTIDINE-5'-MONOPHOSPHATE 'C9 H14 N3 O7 P'
DG DNA linking 2'-DEOXYGUANOSINE-5'-MONOPHOSPHATE 'C10 H14 N5 O7 P'
DT DNA linking THYMIDINE-5'-MONOPHOSPHATE 'C10 H15 N2 O8 P'
#